data_3A4N
#
_entry.id   3A4N
#
_cell.length_a   58.189
_cell.length_b   73.946
_cell.length_c   65.105
_cell.angle_alpha   90.00
_cell.angle_beta   113.90
_cell.angle_gamma   90.00
#
_symmetry.space_group_name_H-M   'P 1 21 1'
#
loop_
_entity.id
_entity.type
_entity.pdbx_description
1 polymer 'L-seryl-tRNA(Sec) kinase'
2 non-polymer 'PHOSPHATE ION'
3 non-polymer 'IODIDE ION'
4 non-polymer 1,2-ETHANEDIOL
5 water water
#
_entity_poly.entity_id   1
_entity_poly.type   'polypeptide(L)'
_entity_poly.pdbx_seq_one_letter_code
;MGDIMLIILTGLPGVGKSTFSKNLAKILSKNNIDVIVLGSDLIRESFPVWKEKYEEFIKKSTYRLIDSALKNYWVIVDDT
NYYNSMRRDLINIAKKYNKNYAIIYLKASLDVLIRRNIERGEKIPNEVIKKMYEKFDEPGKKYKWDEPFLIIDTTKDIDF
NEIAKKLIEKSKEIPKFYVLEENKNKNNNISDKIDKETRKIVSEYIKSKKLDKDKIKEVVELRKEFLKKIKKMEEVDADR
VLKEFKDLLNSYLEHHHHHH
;
_entity_poly.pdbx_strand_id   A,B
#
loop_
_chem_comp.id
_chem_comp.type
_chem_comp.name
_chem_comp.formula
EDO non-polymer 1,2-ETHANEDIOL 'C2 H6 O2'
IOD non-polymer 'IODIDE ION' 'I -1'
PO4 non-polymer 'PHOSPHATE ION' 'O4 P -3'
#
# COMPACT_ATOMS: atom_id res chain seq x y z
N GLY A 2 -16.15 12.86 20.74
CA GLY A 2 -15.95 12.84 19.30
C GLY A 2 -15.95 11.39 18.92
N ASP A 3 -15.18 11.03 17.88
CA ASP A 3 -15.19 9.65 17.43
C ASP A 3 -14.20 9.29 16.32
N ILE A 4 -13.35 10.22 15.91
CA ILE A 4 -12.23 9.84 15.05
C ILE A 4 -10.92 10.11 15.78
N MET A 5 -10.01 9.14 15.68
CA MET A 5 -8.75 9.20 16.42
C MET A 5 -7.54 8.70 15.63
N LEU A 6 -6.36 9.25 15.93
CA LEU A 6 -5.14 8.84 15.26
C LEU A 6 -4.31 8.04 16.25
N ILE A 7 -4.01 6.79 15.91
CA ILE A 7 -3.15 5.99 16.76
C ILE A 7 -1.78 5.86 16.12
N ILE A 8 -0.78 6.35 16.85
CA ILE A 8 0.58 6.41 16.37
C ILE A 8 1.37 5.32 17.07
N LEU A 9 1.82 4.33 16.33
CA LEU A 9 2.70 3.32 16.87
C LEU A 9 4.14 3.80 16.77
N THR A 10 4.99 3.26 17.65
CA THR A 10 6.42 3.53 17.69
C THR A 10 7.17 2.38 18.38
N GLY A 11 8.31 2.02 17.86
CA GLY A 11 9.06 0.91 18.43
C GLY A 11 9.91 0.23 17.38
N LEU A 12 10.98 -0.43 17.83
CA LEU A 12 12.01 -0.93 16.91
C LEU A 12 11.48 -1.98 15.92
N PRO A 13 12.14 -2.12 14.76
CA PRO A 13 11.75 -3.23 13.85
C PRO A 13 11.82 -4.54 14.60
N GLY A 14 10.90 -5.46 14.34
CA GLY A 14 10.93 -6.75 15.01
C GLY A 14 10.16 -6.77 16.33
N VAL A 15 9.73 -5.62 16.80
CA VAL A 15 9.01 -5.56 18.05
C VAL A 15 7.53 -5.99 17.96
N GLY A 16 6.99 -6.08 16.75
CA GLY A 16 5.68 -6.62 16.58
C GLY A 16 4.62 -5.59 16.25
N LYS A 17 5.04 -4.46 15.66
CA LYS A 17 4.08 -3.43 15.31
C LYS A 17 3.00 -3.87 14.32
N SER A 18 3.31 -4.64 13.27
CA SER A 18 2.24 -4.96 12.31
C SER A 18 1.22 -5.96 12.88
N THR A 19 1.74 -6.94 13.60
CA THR A 19 0.86 -7.93 14.19
C THR A 19 -0.09 -7.23 15.13
N PHE A 20 0.44 -6.35 15.95
CA PHE A 20 -0.34 -5.51 16.86
C PHE A 20 -1.42 -4.70 16.12
N SER A 21 -1.02 -3.95 15.08
CA SER A 21 -1.95 -3.25 14.18
C SER A 21 -3.15 -4.06 13.66
N LYS A 22 -2.86 -5.28 13.18
CA LYS A 22 -3.92 -6.15 12.68
C LYS A 22 -4.84 -6.62 13.81
N ASN A 23 -4.32 -6.83 15.02
CA ASN A 23 -5.14 -7.34 16.12
C ASN A 23 -6.05 -6.20 16.60
N LEU A 24 -5.42 -5.05 16.81
CA LEU A 24 -6.10 -3.82 17.13
C LEU A 24 -7.16 -3.46 16.12
N ALA A 25 -6.82 -3.34 14.84
CA ALA A 25 -7.82 -3.01 13.82
C ALA A 25 -9.03 -3.95 13.88
N LYS A 26 -8.78 -5.25 14.02
CA LYS A 26 -9.86 -6.21 14.08
C LYS A 26 -10.75 -5.91 15.29
N ILE A 27 -10.18 -5.79 16.48
CA ILE A 27 -11.03 -5.57 17.62
C ILE A 27 -11.78 -4.26 17.49
N LEU A 28 -11.12 -3.23 16.98
CA LEU A 28 -11.80 -1.96 16.73
C LEU A 28 -12.94 -2.10 15.74
N SER A 29 -12.74 -2.93 14.73
CA SER A 29 -13.75 -3.03 13.68
C SER A 29 -14.87 -3.88 14.21
N LYS A 30 -14.53 -4.82 15.08
CA LYS A 30 -15.50 -5.66 15.75
C LYS A 30 -16.49 -4.78 16.55
N ASN A 31 -15.96 -3.66 17.07
CA ASN A 31 -16.76 -2.62 17.74
C ASN A 31 -17.39 -1.56 16.84
N ASN A 32 -17.57 -1.85 15.56
CA ASN A 32 -18.07 -0.86 14.58
C ASN A 32 -17.22 0.40 14.41
N ILE A 33 -15.91 0.28 14.61
CA ILE A 33 -15.05 1.44 14.34
C ILE A 33 -14.39 1.28 12.97
N ASP A 34 -14.57 2.31 12.15
CA ASP A 34 -13.97 2.37 10.83
C ASP A 34 -12.50 2.81 10.99
N VAL A 35 -11.60 1.89 10.71
CA VAL A 35 -10.18 2.12 10.93
C VAL A 35 -9.32 1.57 9.77
N ILE A 36 -8.21 2.23 9.51
CA ILE A 36 -7.30 1.83 8.45
C ILE A 36 -5.87 1.80 9.01
N VAL A 37 -5.08 0.83 8.59
CA VAL A 37 -3.70 0.78 8.99
C VAL A 37 -2.82 1.27 7.86
N LEU A 38 -2.07 2.32 8.13
CA LEU A 38 -1.19 2.89 7.11
C LEU A 38 0.17 2.93 7.69
N GLY A 39 1.13 2.65 6.84
CA GLY A 39 2.53 2.86 7.20
C GLY A 39 3.37 3.02 5.94
N SER A 40 4.57 3.57 6.10
CA SER A 40 5.37 3.90 4.95
C SER A 40 5.73 2.69 4.05
N ASP A 41 5.65 1.47 4.55
CA ASP A 41 6.07 0.33 3.76
C ASP A 41 5.09 0.05 2.62
N LEU A 42 3.90 0.61 2.75
CA LEU A 42 2.91 0.35 1.76
C LEU A 42 3.45 0.90 0.48
N ILE A 43 3.93 2.15 0.57
CA ILE A 43 4.44 2.86 -0.58
C ILE A 43 5.87 2.43 -0.91
N ARG A 44 6.72 2.30 0.10
CA ARG A 44 8.14 1.95 -0.11
C ARG A 44 8.28 0.63 -0.84
N GLU A 45 7.40 -0.31 -0.54
CA GLU A 45 7.54 -1.66 -1.11
C GLU A 45 6.82 -1.81 -2.44
N SER A 46 6.22 -0.73 -2.90
CA SER A 46 5.61 -0.71 -4.23
C SER A 46 6.63 -0.48 -5.31
N PHE A 47 7.82 -0.03 -4.93
CA PHE A 47 8.92 0.03 -5.90
C PHE A 47 9.59 -1.34 -6.01
N PRO A 48 10.17 -1.65 -7.18
CA PRO A 48 10.90 -2.91 -7.29
C PRO A 48 12.24 -2.86 -6.55
N VAL A 49 12.84 -1.68 -6.41
CA VAL A 49 14.13 -1.50 -5.73
C VAL A 49 14.01 -0.37 -4.68
N TRP A 50 14.92 -0.35 -3.70
CA TRP A 50 15.09 0.86 -2.92
C TRP A 50 16.12 1.83 -3.50
N LYS A 51 15.88 3.13 -3.40
CA LYS A 51 16.91 4.09 -3.71
C LYS A 51 16.64 5.29 -2.82
N GLU A 52 17.70 5.92 -2.33
CA GLU A 52 17.56 7.05 -1.42
C GLU A 52 16.56 8.12 -1.87
N LYS A 53 16.43 8.31 -3.17
CA LYS A 53 15.63 9.40 -3.70
C LYS A 53 14.11 9.11 -3.66
N TYR A 54 13.73 7.83 -3.51
CA TYR A 54 12.31 7.50 -3.40
C TYR A 54 11.74 8.03 -2.06
N GLU A 55 12.60 8.14 -1.05
CA GLU A 55 12.17 8.34 0.33
C GLU A 55 11.31 9.57 0.52
N GLU A 56 11.57 10.62 -0.23
CA GLU A 56 10.85 11.86 -0.09
C GLU A 56 9.39 11.62 -0.46
N PHE A 57 9.19 10.93 -1.57
CA PHE A 57 7.86 10.69 -2.07
C PHE A 57 7.11 9.64 -1.20
N ILE A 58 7.86 8.73 -0.59
CA ILE A 58 7.31 7.75 0.33
C ILE A 58 6.84 8.45 1.60
N LYS A 59 7.72 9.25 2.16
CA LYS A 59 7.35 10.04 3.30
C LYS A 59 6.05 10.81 3.02
N LYS A 60 6.08 11.67 2.01
CA LYS A 60 4.98 12.56 1.70
C LYS A 60 3.68 11.83 1.35
N SER A 61 3.79 10.73 0.59
CA SER A 61 2.60 9.94 0.20
C SER A 61 1.89 9.34 1.43
N THR A 62 2.69 8.81 2.35
CA THR A 62 2.21 8.25 3.61
C THR A 62 1.39 9.30 4.40
N TYR A 63 1.99 10.47 4.66
CA TYR A 63 1.28 11.60 5.27
C TYR A 63 0.02 12.02 4.51
N ARG A 64 0.08 11.99 3.17
CA ARG A 64 -1.08 12.35 2.38
C ARG A 64 -2.21 11.37 2.61
N LEU A 65 -1.87 10.10 2.69
CA LEU A 65 -2.86 9.07 2.90
C LEU A 65 -3.50 9.18 4.26
N ILE A 66 -2.65 9.47 5.25
CA ILE A 66 -3.08 9.56 6.64
C ILE A 66 -3.96 10.79 6.82
N ASP A 67 -3.45 11.91 6.37
CA ASP A 67 -4.20 13.15 6.43
C ASP A 67 -5.60 12.90 5.92
N SER A 68 -5.67 12.37 4.72
CA SER A 68 -6.90 12.16 4.02
C SER A 68 -7.77 11.09 4.67
N ALA A 69 -7.15 10.01 5.12
CA ALA A 69 -7.92 8.98 5.81
C ALA A 69 -8.49 9.57 7.09
N LEU A 70 -7.69 10.37 7.78
CA LEU A 70 -8.05 10.81 9.11
C LEU A 70 -9.30 11.68 9.11
N LYS A 71 -9.74 12.20 7.97
CA LYS A 71 -11.06 12.87 8.01
C LYS A 71 -12.22 11.93 8.11
N ASN A 72 -12.04 10.70 7.67
CA ASN A 72 -13.14 9.77 7.64
C ASN A 72 -12.98 8.66 8.67
N TYR A 73 -11.74 8.28 8.98
CA TYR A 73 -11.50 7.07 9.75
C TYR A 73 -10.46 7.19 10.84
N TRP A 74 -10.54 6.27 11.81
CA TRP A 74 -9.47 6.07 12.74
C TRP A 74 -8.29 5.59 11.89
N VAL A 75 -7.07 5.97 12.25
CA VAL A 75 -5.91 5.52 11.52
C VAL A 75 -4.91 4.98 12.55
N ILE A 76 -4.40 3.76 12.28
CA ILE A 76 -3.28 3.25 13.02
C ILE A 76 -2.05 3.43 12.13
N VAL A 77 -1.06 4.18 12.61
CA VAL A 77 0.15 4.34 11.85
C VAL A 77 1.17 3.29 12.25
N ASP A 78 1.42 2.38 11.32
CA ASP A 78 2.33 1.28 11.55
C ASP A 78 3.73 1.57 10.97
N ASP A 79 4.47 2.45 11.64
CA ASP A 79 5.86 2.71 11.33
C ASP A 79 6.74 2.64 12.57
N THR A 80 8.02 2.46 12.34
CA THR A 80 8.99 2.59 13.37
C THR A 80 8.76 3.87 14.18
N ASN A 81 8.64 4.99 13.47
CA ASN A 81 8.62 6.31 14.08
C ASN A 81 9.75 6.52 15.08
N TYR A 82 10.95 6.19 14.63
CA TYR A 82 12.15 6.26 15.45
C TYR A 82 12.38 7.63 16.11
N TYR A 83 12.13 8.70 15.36
CA TYR A 83 12.43 10.06 15.81
C TYR A 83 11.21 10.78 16.30
N ASN A 84 11.38 11.58 17.35
CA ASN A 84 10.27 12.37 17.84
C ASN A 84 9.74 13.38 16.83
N SER A 85 10.56 13.80 15.88
CA SER A 85 10.04 14.67 14.83
C SER A 85 9.04 13.97 13.89
N MET A 86 9.16 12.64 13.73
CA MET A 86 8.19 11.90 12.94
C MET A 86 6.88 11.84 13.71
N ARG A 87 6.99 11.66 15.01
CA ARG A 87 5.83 11.64 15.90
C ARG A 87 5.17 13.01 15.97
N ARG A 88 5.97 14.06 15.93
CA ARG A 88 5.45 15.41 15.81
C ARG A 88 4.65 15.61 14.50
N ASP A 89 5.24 15.21 13.38
CA ASP A 89 4.56 15.29 12.09
C ASP A 89 3.15 14.65 12.15
N LEU A 90 3.08 13.44 12.70
CA LEU A 90 1.82 12.74 12.72
C LEU A 90 0.87 13.49 13.63
N ILE A 91 1.38 13.98 14.76
CA ILE A 91 0.52 14.70 15.71
C ILE A 91 -0.08 15.93 15.04
N ASN A 92 0.74 16.68 14.33
CA ASN A 92 0.27 17.87 13.61
C ASN A 92 -0.82 17.53 12.63
N ILE A 93 -0.84 16.28 12.15
CA ILE A 93 -1.91 15.90 11.25
C ILE A 93 -3.22 15.91 12.03
N ALA A 94 -3.22 15.26 13.20
CA ALA A 94 -4.33 15.23 14.12
C ALA A 94 -4.76 16.65 14.51
N LYS A 95 -3.78 17.48 14.85
CA LYS A 95 -4.04 18.87 15.24
C LYS A 95 -4.81 19.62 14.16
N LYS A 96 -4.42 19.38 12.92
CA LYS A 96 -4.98 20.09 11.79
C LYS A 96 -6.49 19.92 11.72
N TYR A 97 -6.97 18.71 12.01
CA TYR A 97 -8.40 18.43 11.97
C TYR A 97 -9.01 18.32 13.39
N ASN A 98 -8.25 18.65 14.42
CA ASN A 98 -8.73 18.56 15.80
C ASN A 98 -9.13 17.15 16.27
N LYS A 99 -8.42 16.14 15.79
CA LYS A 99 -8.67 14.77 16.21
C LYS A 99 -7.83 14.42 17.41
N ASN A 100 -8.33 13.54 18.25
CA ASN A 100 -7.50 13.08 19.33
C ASN A 100 -6.40 12.15 18.83
N TYR A 101 -5.42 11.90 19.67
CA TYR A 101 -4.39 10.92 19.30
C TYR A 101 -3.84 10.21 20.52
N ALA A 102 -3.22 9.06 20.25
CA ALA A 102 -2.54 8.26 21.26
C ALA A 102 -1.28 7.64 20.65
N ILE A 103 -0.15 7.97 21.22
CA ILE A 103 1.09 7.28 20.89
C ILE A 103 1.16 5.99 21.69
N ILE A 104 1.32 4.88 20.98
CA ILE A 104 1.42 3.61 21.66
C ILE A 104 2.79 3.04 21.42
N TYR A 105 3.54 2.90 22.51
CA TYR A 105 4.94 2.50 22.47
C TYR A 105 5.12 1.01 22.77
N LEU A 106 5.52 0.23 21.76
CA LEU A 106 5.76 -1.20 21.93
C LEU A 106 7.25 -1.44 22.21
N LYS A 107 7.57 -2.30 23.17
CA LYS A 107 8.97 -2.58 23.44
C LYS A 107 9.26 -4.03 23.73
N ALA A 108 10.54 -4.36 23.62
CA ALA A 108 11.00 -5.72 23.79
C ALA A 108 12.51 -5.71 24.07
N SER A 109 13.03 -6.83 24.51
CA SER A 109 14.42 -6.89 24.91
C SER A 109 15.19 -6.94 23.62
N LEU A 110 16.38 -6.37 23.62
CA LEU A 110 17.24 -6.42 22.44
C LEU A 110 17.40 -7.87 21.94
N ASP A 111 17.40 -8.85 22.86
CA ASP A 111 17.54 -10.28 22.50
C ASP A 111 16.34 -10.81 21.70
N VAL A 112 15.13 -10.37 22.09
CA VAL A 112 13.93 -10.71 21.34
C VAL A 112 13.91 -10.07 19.96
N LEU A 113 14.22 -8.77 19.88
CA LEU A 113 14.23 -8.12 18.57
C LEU A 113 15.15 -8.89 17.62
N ILE A 114 16.32 -9.25 18.12
CA ILE A 114 17.35 -9.92 17.32
C ILE A 114 16.88 -11.23 16.67
N ARG A 115 16.30 -12.11 17.48
CA ARG A 115 15.90 -13.41 16.97
C ARG A 115 14.74 -13.26 16.02
N ARG A 116 13.90 -12.26 16.30
CA ARG A 116 12.85 -11.90 15.37
C ARG A 116 13.42 -11.57 13.99
N ASN A 117 14.49 -10.78 13.97
CA ASN A 117 15.15 -10.40 12.72
C ASN A 117 15.68 -11.63 12.02
N ILE A 118 16.44 -12.43 12.76
CA ILE A 118 16.88 -13.76 12.33
C ILE A 118 15.76 -14.61 11.72
N GLU A 119 14.60 -14.63 12.37
CA GLU A 119 13.45 -15.38 11.86
C GLU A 119 12.91 -14.75 10.62
N ARG A 120 13.19 -13.47 10.44
CA ARG A 120 12.68 -12.74 9.30
C ARG A 120 13.60 -12.81 8.06
N GLY A 121 14.76 -13.42 8.22
CA GLY A 121 15.68 -13.61 7.12
C GLY A 121 16.84 -12.64 7.21
N GLU A 122 16.96 -12.01 8.38
CA GLU A 122 17.85 -10.87 8.51
C GLU A 122 17.83 -10.02 7.23
N LYS A 123 16.70 -9.38 6.93
CA LYS A 123 16.64 -8.43 5.83
C LYS A 123 17.29 -7.14 6.32
N ILE A 124 17.04 -6.82 7.59
CA ILE A 124 17.84 -5.78 8.25
C ILE A 124 18.97 -6.46 8.97
N PRO A 125 20.18 -5.90 8.90
CA PRO A 125 21.30 -6.57 9.59
C PRO A 125 21.14 -6.47 11.10
N ASN A 126 21.40 -7.57 11.80
CA ASN A 126 21.33 -7.59 13.27
C ASN A 126 22.10 -6.46 13.94
N GLU A 127 23.25 -6.09 13.34
CA GLU A 127 24.09 -5.06 13.92
C GLU A 127 23.45 -3.68 13.81
N VAL A 128 22.72 -3.44 12.72
CA VAL A 128 21.95 -2.22 12.56
C VAL A 128 20.87 -2.13 13.66
N ILE A 129 20.21 -3.26 13.91
CA ILE A 129 19.16 -3.31 14.92
C ILE A 129 19.73 -3.06 16.31
N LYS A 130 20.92 -3.59 16.53
CA LYS A 130 21.60 -3.39 17.81
C LYS A 130 21.97 -1.94 17.93
N LYS A 131 22.42 -1.37 16.83
CA LYS A 131 22.80 0.04 16.79
C LYS A 131 21.58 0.92 17.01
N MET A 132 20.49 0.54 16.36
CA MET A 132 19.18 1.20 16.53
C MET A 132 18.67 1.21 17.97
N TYR A 133 18.85 0.08 18.63
CA TYR A 133 18.35 -0.09 19.97
C TYR A 133 19.13 0.79 20.94
N GLU A 134 20.47 0.82 20.80
CA GLU A 134 21.34 1.59 21.73
C GLU A 134 21.07 3.08 21.68
N LYS A 135 20.40 3.52 20.63
CA LYS A 135 20.41 4.92 20.26
C LYS A 135 18.98 5.44 20.31
N PHE A 136 18.03 4.53 20.50
CA PHE A 136 16.60 4.87 20.62
C PHE A 136 16.31 5.67 21.87
N ASP A 137 15.94 6.94 21.71
CA ASP A 137 15.35 7.70 22.81
C ASP A 137 13.86 7.33 22.90
N GLU A 138 13.47 6.82 24.05
CA GLU A 138 12.08 6.47 24.25
C GLU A 138 11.16 7.70 24.33
N PRO A 139 9.99 7.61 23.70
CA PRO A 139 9.04 8.71 23.48
C PRO A 139 8.65 9.44 24.77
N GLY A 140 8.67 10.77 24.70
CA GLY A 140 8.17 11.56 25.80
C GLY A 140 9.20 11.81 26.88
N LYS A 141 10.43 11.37 26.64
CA LYS A 141 11.52 11.71 27.52
C LYS A 141 11.95 13.14 27.25
N LYS A 142 11.15 13.89 26.49
CA LYS A 142 11.53 15.24 26.13
C LYS A 142 10.36 16.21 25.98
N TYR A 143 9.24 15.74 25.41
CA TYR A 143 8.08 16.61 25.18
C TYR A 143 6.76 16.04 25.74
N LYS A 144 6.10 16.82 26.59
CA LYS A 144 4.77 16.48 27.06
C LYS A 144 3.95 15.75 25.98
N TRP A 145 3.72 16.42 24.86
CA TRP A 145 2.91 15.89 23.76
C TRP A 145 3.41 14.57 23.16
N ASP A 146 4.61 14.16 23.54
CA ASP A 146 5.25 12.95 23.02
C ASP A 146 5.08 11.77 23.95
N GLU A 147 4.28 11.93 24.99
CA GLU A 147 4.19 10.89 26.04
C GLU A 147 3.29 9.74 25.62
N PRO A 148 3.76 8.51 25.73
CA PRO A 148 2.88 7.39 25.36
C PRO A 148 1.61 7.32 26.16
N PHE A 149 0.51 7.13 25.45
CA PHE A 149 -0.74 6.78 26.08
C PHE A 149 -0.59 5.34 26.67
N LEU A 150 -0.05 4.39 25.88
CA LEU A 150 0.28 3.05 26.40
C LEU A 150 1.72 2.64 26.14
N ILE A 151 2.39 2.12 27.17
CA ILE A 151 3.62 1.36 26.96
C ILE A 151 3.26 -0.13 27.03
N ILE A 152 3.61 -0.87 25.97
CA ILE A 152 3.18 -2.26 25.85
C ILE A 152 4.31 -3.22 25.65
N ASP A 153 4.46 -4.14 26.59
CA ASP A 153 5.52 -5.14 26.55
C ASP A 153 5.08 -6.27 25.66
N THR A 154 5.75 -6.48 24.53
CA THR A 154 5.27 -7.45 23.54
C THR A 154 5.65 -8.87 23.90
N THR A 155 6.43 -9.04 24.97
CA THR A 155 6.74 -10.39 25.47
C THR A 155 5.89 -10.74 26.69
N LYS A 156 4.87 -9.94 26.94
CA LYS A 156 3.89 -10.23 27.96
C LYS A 156 2.52 -10.26 27.29
N ASP A 157 1.50 -10.75 27.99
CA ASP A 157 0.18 -10.94 27.38
C ASP A 157 -0.45 -9.59 27.07
N ILE A 158 -1.23 -9.51 25.99
CA ILE A 158 -1.82 -8.21 25.70
C ILE A 158 -3.35 -8.26 25.60
N ASP A 159 -3.99 -7.31 26.25
CA ASP A 159 -5.46 -7.32 26.31
C ASP A 159 -6.06 -6.32 25.34
N PHE A 160 -6.41 -6.79 24.16
CA PHE A 160 -6.88 -5.88 23.11
C PHE A 160 -8.22 -5.24 23.41
N ASN A 161 -9.07 -5.94 24.16
CA ASN A 161 -10.30 -5.33 24.68
C ASN A 161 -10.04 -4.12 25.54
N GLU A 162 -9.20 -4.31 26.54
CA GLU A 162 -8.90 -3.24 27.47
C GLU A 162 -8.26 -2.07 26.70
N ILE A 163 -7.43 -2.40 25.72
CA ILE A 163 -6.85 -1.39 24.83
C ILE A 163 -7.90 -0.64 24.02
N ALA A 164 -8.79 -1.42 23.42
CA ALA A 164 -9.87 -0.86 22.62
C ALA A 164 -10.70 0.03 23.49
N LYS A 165 -11.22 -0.58 24.55
CA LYS A 165 -12.07 0.13 25.51
C LYS A 165 -11.40 1.44 25.90
N LYS A 166 -10.11 1.38 26.24
CA LYS A 166 -9.35 2.59 26.61
C LYS A 166 -9.24 3.60 25.45
N LEU A 167 -8.91 3.12 24.26
CA LEU A 167 -8.76 4.06 23.15
C LEU A 167 -10.10 4.73 22.88
N ILE A 168 -11.18 3.96 22.98
CA ILE A 168 -12.50 4.48 22.63
C ILE A 168 -12.98 5.55 23.59
N GLU A 169 -12.69 5.39 24.88
CA GLU A 169 -12.94 6.47 25.84
C GLU A 169 -12.09 7.69 25.48
N LYS A 170 -10.82 7.43 25.22
CA LYS A 170 -9.94 8.53 24.88
C LYS A 170 -10.48 9.34 23.67
N SER A 171 -11.01 8.65 22.67
CA SER A 171 -11.48 9.32 21.44
C SER A 171 -12.56 10.41 21.66
N LYS A 172 -13.30 10.29 22.76
CA LYS A 172 -14.46 11.13 23.03
C LYS A 172 -14.12 12.30 23.95
N GLU A 173 -12.84 12.43 24.25
CA GLU A 173 -12.33 13.52 25.03
C GLU A 173 -11.96 14.63 24.07
N ILE A 174 -11.93 15.86 24.54
CA ILE A 174 -11.46 16.95 23.72
C ILE A 174 -9.95 16.85 23.58
N PRO A 175 -9.45 16.86 22.34
CA PRO A 175 -7.99 16.80 22.25
C PRO A 175 -7.38 18.02 22.93
N LYS A 176 -6.18 17.90 23.51
CA LYS A 176 -5.43 19.03 24.04
C LYS A 176 -4.00 18.98 23.51
N PHE A 177 -3.55 20.06 22.88
CA PHE A 177 -2.22 20.12 22.28
C PHE A 177 -1.22 21.03 23.03
N ASN A 189 13.81 18.12 11.06
CA ASN A 189 15.18 17.98 11.53
C ASN A 189 16.06 17.34 10.45
N ILE A 190 16.99 18.15 9.95
CA ILE A 190 17.98 17.72 8.98
C ILE A 190 18.88 16.60 9.53
N SER A 191 19.20 16.68 10.82
CA SER A 191 20.08 15.69 11.43
C SER A 191 19.36 14.35 11.54
N ASP A 192 18.04 14.37 11.75
CA ASP A 192 17.21 13.16 11.79
C ASP A 192 17.23 12.44 10.45
N LYS A 193 17.19 13.24 9.38
CA LYS A 193 17.16 12.71 8.04
C LYS A 193 18.53 12.11 7.65
N ILE A 194 19.61 12.77 8.06
CA ILE A 194 20.93 12.21 7.79
C ILE A 194 21.13 10.94 8.59
N ASP A 195 20.62 10.92 9.82
CA ASP A 195 20.73 9.74 10.67
C ASP A 195 19.94 8.57 10.08
N LYS A 196 18.70 8.86 9.73
CA LYS A 196 17.80 7.90 9.10
C LYS A 196 18.30 7.38 7.73
N GLU A 197 18.67 8.27 6.82
CA GLU A 197 19.07 7.84 5.50
C GLU A 197 20.44 7.15 5.48
N THR A 198 21.36 7.54 6.37
CA THR A 198 22.68 6.90 6.34
C THR A 198 22.52 5.49 6.89
N ARG A 199 21.61 5.32 7.86
N ARG A 199 21.61 5.33 7.86
CA ARG A 199 21.30 3.99 8.35
CA ARG A 199 21.30 4.00 8.36
C ARG A 199 20.78 3.13 7.19
C ARG A 199 20.77 3.14 7.21
N LYS A 200 19.78 3.67 6.48
CA LYS A 200 19.21 2.93 5.36
C LYS A 200 20.25 2.57 4.29
N ILE A 201 21.08 3.53 3.89
CA ILE A 201 22.08 3.28 2.87
C ILE A 201 23.02 2.15 3.30
N VAL A 202 23.58 2.29 4.49
CA VAL A 202 24.31 1.21 5.15
C VAL A 202 23.62 -0.18 5.01
N SER A 203 22.36 -0.27 5.42
CA SER A 203 21.62 -1.52 5.30
C SER A 203 21.56 -2.06 3.87
N GLU A 204 21.25 -1.17 2.93
CA GLU A 204 21.15 -1.52 1.53
C GLU A 204 22.48 -2.13 1.04
N TYR A 205 23.57 -1.40 1.31
CA TYR A 205 24.91 -1.81 0.91
C TYR A 205 25.28 -3.20 1.42
N ILE A 206 25.13 -3.35 2.73
CA ILE A 206 25.38 -4.59 3.46
C ILE A 206 24.72 -5.84 2.82
N LYS A 207 23.43 -5.71 2.49
CA LYS A 207 22.72 -6.84 1.87
C LYS A 207 23.00 -6.98 0.35
N SER A 208 23.08 -5.87 -0.35
CA SER A 208 23.52 -5.85 -1.75
C SER A 208 24.94 -6.43 -1.96
N LYS A 209 25.93 -5.94 -1.20
CA LYS A 209 27.30 -6.42 -1.31
C LYS A 209 27.49 -7.65 -0.46
N LYS A 210 26.37 -8.28 -0.10
CA LYS A 210 26.35 -9.41 0.85
C LYS A 210 27.57 -9.42 1.77
N LEU A 211 27.82 -8.29 2.44
CA LEU A 211 28.98 -8.17 3.33
C LEU A 211 29.02 -9.23 4.43
N ASP A 212 30.23 -9.62 4.82
CA ASP A 212 30.40 -10.52 5.96
C ASP A 212 30.40 -9.74 7.27
N LYS A 213 30.37 -10.47 8.38
CA LYS A 213 30.19 -9.85 9.68
C LYS A 213 31.36 -8.95 10.03
N ASP A 214 32.53 -9.24 9.51
CA ASP A 214 33.60 -8.29 9.81
C ASP A 214 33.47 -6.97 9.03
N LYS A 215 33.12 -7.05 7.75
CA LYS A 215 32.87 -5.82 6.98
C LYS A 215 31.63 -5.11 7.52
N ILE A 216 30.61 -5.88 7.92
CA ILE A 216 29.45 -5.27 8.57
C ILE A 216 29.85 -4.39 9.75
N LYS A 217 30.59 -4.92 10.69
CA LYS A 217 31.00 -4.08 11.81
C LYS A 217 31.76 -2.83 11.35
N GLU A 218 32.72 -3.01 10.44
CA GLU A 218 33.55 -1.92 9.94
C GLU A 218 32.71 -0.78 9.36
N VAL A 219 31.79 -1.14 8.48
CA VAL A 219 30.84 -0.23 7.84
C VAL A 219 29.90 0.53 8.84
N VAL A 220 29.34 -0.19 9.81
CA VAL A 220 28.55 0.46 10.85
C VAL A 220 29.40 1.48 11.59
N GLU A 221 30.65 1.10 11.85
CA GLU A 221 31.58 2.02 12.53
C GLU A 221 32.03 3.17 11.61
N LEU A 222 32.16 2.89 10.32
CA LEU A 222 32.39 3.94 9.35
C LEU A 222 31.31 5.02 9.45
N ARG A 223 30.06 4.59 9.49
CA ARG A 223 28.93 5.52 9.66
C ARG A 223 29.05 6.33 10.94
N LYS A 224 29.24 5.63 12.05
CA LYS A 224 29.52 6.27 13.34
C LYS A 224 30.59 7.38 13.18
N GLU A 225 31.77 7.04 12.71
CA GLU A 225 32.82 8.03 12.63
C GLU A 225 32.39 9.18 11.76
N PHE A 226 31.70 8.86 10.67
CA PHE A 226 31.33 9.85 9.68
C PHE A 226 30.30 10.83 10.24
N LEU A 227 29.33 10.32 10.99
CA LEU A 227 28.37 11.20 11.66
C LEU A 227 28.98 12.14 12.72
N LYS A 228 29.98 11.63 13.45
CA LYS A 228 30.71 12.44 14.44
C LYS A 228 31.25 13.70 13.75
N LYS A 229 31.74 13.55 12.54
CA LYS A 229 32.37 14.63 11.81
C LYS A 229 31.33 15.62 11.32
N ILE A 230 30.19 15.09 10.87
CA ILE A 230 29.14 15.93 10.30
C ILE A 230 28.43 16.80 11.34
N LYS A 231 28.16 16.25 12.53
CA LYS A 231 27.71 17.13 13.59
C LYS A 231 28.75 18.26 13.75
N LYS A 232 29.98 17.93 14.11
CA LYS A 232 31.00 18.97 14.28
C LYS A 232 31.40 19.62 12.96
N VAL A 236 25.03 22.74 7.15
CA VAL A 236 25.15 21.55 6.31
C VAL A 236 23.92 21.32 5.41
N ASP A 237 24.12 20.52 4.36
CA ASP A 237 23.06 20.23 3.39
C ASP A 237 22.82 18.71 3.27
N ALA A 238 21.70 18.26 3.81
CA ALA A 238 21.40 16.83 3.89
C ALA A 238 21.80 16.09 2.62
N ASP A 239 21.30 16.58 1.50
CA ASP A 239 21.42 15.86 0.25
C ASP A 239 22.87 15.57 -0.08
N ARG A 240 23.74 16.57 0.02
CA ARG A 240 25.14 16.35 -0.39
C ARG A 240 25.89 15.50 0.63
N VAL A 241 25.53 15.67 1.90
CA VAL A 241 25.95 14.75 2.96
C VAL A 241 25.65 13.26 2.61
N LEU A 242 24.47 12.97 2.07
CA LEU A 242 24.17 11.58 1.72
C LEU A 242 24.94 11.10 0.52
N LYS A 243 25.18 11.99 -0.45
CA LYS A 243 25.93 11.61 -1.65
C LYS A 243 27.37 11.32 -1.24
N GLU A 244 27.92 12.18 -0.41
CA GLU A 244 29.26 11.97 0.07
C GLU A 244 29.37 10.63 0.78
N PHE A 245 28.36 10.33 1.60
CA PHE A 245 28.34 9.08 2.33
C PHE A 245 28.38 7.84 1.41
N LYS A 246 27.64 7.86 0.30
CA LYS A 246 27.68 6.74 -0.64
C LYS A 246 29.10 6.62 -1.24
N ASP A 247 29.66 7.74 -1.67
CA ASP A 247 31.07 7.77 -2.12
C ASP A 247 32.03 7.13 -1.10
N LEU A 248 31.93 7.57 0.16
CA LEU A 248 32.74 6.97 1.20
C LEU A 248 32.57 5.47 1.20
N LEU A 249 31.34 4.99 1.28
CA LEU A 249 31.08 3.56 1.28
C LEU A 249 31.79 2.86 0.09
N ASN A 250 31.56 3.38 -1.11
CA ASN A 250 32.27 2.92 -2.31
C ASN A 250 33.80 2.89 -2.17
N SER A 251 34.38 4.03 -1.80
CA SER A 251 35.83 4.18 -1.66
C SER A 251 36.34 3.14 -0.75
N TYR A 252 35.51 2.79 0.20
CA TYR A 252 35.93 1.90 1.23
C TYR A 252 35.71 0.45 0.82
N MET B 1 17.30 9.42 -18.20
CA MET B 1 17.68 9.86 -19.54
C MET B 1 16.45 9.92 -20.40
N GLY B 2 15.46 9.10 -20.02
CA GLY B 2 14.21 9.00 -20.75
C GLY B 2 13.02 9.62 -20.04
N ASP B 3 11.87 9.40 -20.63
CA ASP B 3 10.64 10.07 -20.29
C ASP B 3 9.82 9.18 -19.36
N ILE B 4 8.63 9.65 -18.96
CA ILE B 4 7.77 8.94 -18.03
C ILE B 4 6.55 8.33 -18.71
N MET B 5 6.21 7.10 -18.34
CA MET B 5 5.07 6.45 -18.96
C MET B 5 4.09 5.80 -17.96
N LEU B 6 2.80 5.98 -18.20
CA LEU B 6 1.72 5.30 -17.46
C LEU B 6 1.44 3.95 -18.07
N ILE B 7 1.48 2.90 -17.27
CA ILE B 7 1.24 1.59 -17.84
C ILE B 7 0.00 1.03 -17.15
N ILE B 8 -1.05 0.80 -17.92
CA ILE B 8 -2.30 0.38 -17.36
C ILE B 8 -2.54 -1.08 -17.67
N LEU B 9 -2.64 -1.90 -16.63
CA LEU B 9 -2.95 -3.31 -16.84
C LEU B 9 -4.46 -3.47 -16.83
N THR B 10 -4.93 -4.52 -17.46
CA THR B 10 -6.34 -4.87 -17.38
C THR B 10 -6.51 -6.33 -17.69
N GLY B 11 -7.46 -6.97 -17.03
CA GLY B 11 -7.75 -8.37 -17.22
C GLY B 11 -8.25 -9.05 -15.96
N LEU B 12 -9.08 -10.07 -16.13
CA LEU B 12 -9.82 -10.62 -15.00
C LEU B 12 -8.96 -11.10 -13.81
N PRO B 13 -9.57 -11.18 -12.62
CA PRO B 13 -8.86 -11.71 -11.46
C PRO B 13 -8.26 -13.09 -11.72
N GLY B 14 -7.02 -13.27 -11.28
CA GLY B 14 -6.32 -14.52 -11.44
C GLY B 14 -5.60 -14.61 -12.77
N VAL B 15 -5.71 -13.59 -13.61
CA VAL B 15 -5.05 -13.66 -14.91
C VAL B 15 -3.54 -13.52 -14.79
N GLY B 16 -3.08 -12.95 -13.68
CA GLY B 16 -1.66 -12.83 -13.44
C GLY B 16 -1.18 -11.38 -13.41
N LYS B 17 -2.10 -10.39 -13.30
CA LYS B 17 -1.66 -9.01 -13.39
C LYS B 17 -0.57 -8.72 -12.35
N SER B 18 -0.70 -9.32 -11.19
CA SER B 18 0.15 -8.91 -10.12
C SER B 18 1.58 -9.45 -10.29
N THR B 19 1.70 -10.73 -10.59
CA THR B 19 2.98 -11.34 -10.94
C THR B 19 3.65 -10.71 -12.17
N PHE B 20 2.85 -10.23 -13.10
CA PHE B 20 3.31 -9.57 -14.30
C PHE B 20 3.90 -8.21 -13.97
N SER B 21 3.17 -7.47 -13.15
CA SER B 21 3.65 -6.21 -12.57
C SER B 21 5.08 -6.25 -11.98
N LYS B 22 5.34 -7.26 -11.16
CA LYS B 22 6.67 -7.38 -10.57
C LYS B 22 7.74 -7.72 -11.60
N ASN B 23 7.50 -8.73 -12.43
CA ASN B 23 8.46 -9.04 -13.51
C ASN B 23 8.77 -7.83 -14.38
N LEU B 24 7.72 -7.08 -14.69
CA LEU B 24 7.87 -5.89 -15.52
C LEU B 24 8.59 -4.81 -14.74
N ALA B 25 8.20 -4.61 -13.48
CA ALA B 25 8.91 -3.60 -12.67
C ALA B 25 10.40 -3.99 -12.54
N LYS B 26 10.66 -5.27 -12.32
CA LYS B 26 12.03 -5.75 -12.18
C LYS B 26 12.85 -5.47 -13.42
N ILE B 27 12.27 -5.67 -14.60
CA ILE B 27 13.09 -5.59 -15.79
C ILE B 27 13.33 -4.15 -16.19
N LEU B 28 12.36 -3.27 -15.91
CA LEU B 28 12.48 -1.84 -16.19
C LEU B 28 13.44 -1.16 -15.24
N SER B 29 13.45 -1.61 -14.00
CA SER B 29 14.40 -1.01 -13.10
C SER B 29 15.83 -1.49 -13.42
N LYS B 30 15.98 -2.64 -14.09
CA LYS B 30 17.31 -3.05 -14.55
C LYS B 30 17.82 -2.15 -15.68
N ASN B 31 16.90 -1.56 -16.44
CA ASN B 31 17.27 -0.54 -17.41
C ASN B 31 17.33 0.82 -16.77
N ASN B 32 17.40 0.85 -15.45
CA ASN B 32 17.51 2.11 -14.75
C ASN B 32 16.30 3.05 -14.92
N ILE B 33 15.10 2.50 -15.16
CA ILE B 33 13.90 3.33 -15.11
C ILE B 33 13.36 3.28 -13.68
N ASP B 34 12.89 4.43 -13.19
CA ASP B 34 12.20 4.46 -11.89
C ASP B 34 10.74 4.17 -12.07
N VAL B 35 10.29 3.09 -11.45
CA VAL B 35 8.94 2.62 -11.68
C VAL B 35 8.29 2.13 -10.38
N ILE B 36 6.99 2.38 -10.24
CA ILE B 36 6.25 1.99 -9.04
C ILE B 36 4.94 1.27 -9.45
N VAL B 37 4.57 0.21 -8.74
CA VAL B 37 3.29 -0.41 -9.07
C VAL B 37 2.23 -0.08 -8.02
N LEU B 38 1.11 0.41 -8.53
CA LEU B 38 0.04 0.97 -7.71
C LEU B 38 -1.23 0.26 -8.09
N GLY B 39 -1.94 -0.23 -7.07
CA GLY B 39 -3.22 -0.88 -7.29
C GLY B 39 -4.20 -0.46 -6.19
N SER B 40 -5.50 -0.58 -6.43
CA SER B 40 -6.48 -0.18 -5.43
C SER B 40 -6.44 -1.09 -4.20
N ASP B 41 -5.92 -2.30 -4.35
CA ASP B 41 -5.77 -3.25 -3.24
C ASP B 41 -4.81 -2.77 -2.16
N LEU B 42 -3.94 -1.83 -2.47
CA LEU B 42 -3.00 -1.36 -1.49
C LEU B 42 -3.78 -0.65 -0.38
N ILE B 43 -4.75 0.18 -0.76
CA ILE B 43 -5.63 0.84 0.19
C ILE B 43 -6.73 -0.10 0.77
N ARG B 44 -7.45 -0.75 -0.13
CA ARG B 44 -8.53 -1.68 0.23
C ARG B 44 -8.13 -2.70 1.31
N GLU B 45 -6.95 -3.32 1.17
CA GLU B 45 -6.46 -4.36 2.10
C GLU B 45 -5.80 -3.75 3.36
N SER B 46 -5.80 -2.43 3.43
CA SER B 46 -5.32 -1.74 4.59
C SER B 46 -6.47 -1.62 5.60
N PHE B 47 -7.70 -1.82 5.13
CA PHE B 47 -8.84 -1.99 6.04
C PHE B 47 -8.91 -3.46 6.56
N PRO B 48 -9.32 -3.67 7.82
CA PRO B 48 -9.45 -5.03 8.41
C PRO B 48 -10.68 -5.79 7.90
N VAL B 49 -11.63 -5.06 7.36
CA VAL B 49 -12.87 -5.64 6.86
C VAL B 49 -13.20 -4.84 5.58
N TRP B 50 -14.03 -5.39 4.72
CA TRP B 50 -14.51 -4.61 3.59
C TRP B 50 -15.91 -4.00 3.85
N LYS B 51 -16.04 -2.73 3.48
CA LYS B 51 -17.35 -2.08 3.44
C LYS B 51 -17.45 -1.32 2.14
N GLU B 52 -18.61 -1.42 1.51
CA GLU B 52 -18.88 -0.67 0.31
C GLU B 52 -18.61 0.79 0.51
N LYS B 53 -18.85 1.30 1.73
CA LYS B 53 -18.69 2.72 1.93
C LYS B 53 -17.23 3.20 1.78
N TYR B 54 -16.26 2.30 1.91
CA TYR B 54 -14.83 2.63 1.75
C TYR B 54 -14.40 2.83 0.29
N GLU B 55 -15.24 2.41 -0.64
CA GLU B 55 -14.82 2.28 -2.02
C GLU B 55 -14.52 3.60 -2.70
N GLU B 56 -15.27 4.66 -2.39
CA GLU B 56 -14.98 6.00 -2.93
C GLU B 56 -13.63 6.45 -2.39
N PHE B 57 -13.33 6.08 -1.14
CA PHE B 57 -12.10 6.51 -0.51
C PHE B 57 -10.92 5.77 -1.17
N ILE B 58 -11.12 4.47 -1.42
CA ILE B 58 -10.12 3.62 -2.05
C ILE B 58 -9.84 4.07 -3.49
N LYS B 59 -10.89 4.30 -4.25
CA LYS B 59 -10.73 4.79 -5.62
C LYS B 59 -9.97 6.14 -5.67
N LYS B 60 -10.50 7.15 -5.01
CA LYS B 60 -9.84 8.45 -5.00
C LYS B 60 -8.38 8.38 -4.56
N SER B 61 -8.12 7.72 -3.43
CA SER B 61 -6.77 7.61 -2.91
C SER B 61 -5.84 6.96 -3.91
N THR B 62 -6.28 5.88 -4.53
CA THR B 62 -5.46 5.25 -5.59
C THR B 62 -5.20 6.22 -6.76
N TYR B 63 -6.20 6.97 -7.19
CA TYR B 63 -5.98 7.97 -8.22
C TYR B 63 -4.97 9.03 -7.78
N ARG B 64 -5.06 9.50 -6.55
CA ARG B 64 -4.18 10.55 -6.06
C ARG B 64 -2.74 10.09 -5.97
N LEU B 65 -2.57 8.83 -5.60
CA LEU B 65 -1.26 8.19 -5.56
C LEU B 65 -0.65 8.13 -6.97
N ILE B 66 -1.46 7.64 -7.90
CA ILE B 66 -1.02 7.49 -9.27
C ILE B 66 -0.66 8.83 -9.89
N ASP B 67 -1.49 9.81 -9.60
CA ASP B 67 -1.36 11.15 -10.13
C ASP B 67 -0.05 11.78 -9.64
N SER B 68 0.18 11.70 -8.34
CA SER B 68 1.38 12.22 -7.74
C SER B 68 2.65 11.50 -8.23
N ALA B 69 2.55 10.18 -8.35
CA ALA B 69 3.68 9.35 -8.80
C ALA B 69 4.06 9.64 -10.25
N LEU B 70 3.08 9.94 -11.12
CA LEU B 70 3.36 10.11 -12.55
C LEU B 70 4.17 11.37 -12.79
N LYS B 71 4.32 12.22 -11.80
CA LYS B 71 5.13 13.41 -11.99
C LYS B 71 6.62 13.10 -11.84
N ASN B 72 6.93 11.92 -11.32
CA ASN B 72 8.33 11.52 -11.17
C ASN B 72 8.73 10.13 -11.70
N TYR B 73 7.77 9.22 -11.81
CA TYR B 73 8.10 7.82 -12.07
C TYR B 73 7.17 7.25 -13.12
N TRP B 74 7.68 6.27 -13.86
CA TRP B 74 6.76 5.34 -14.50
C TRP B 74 5.81 4.79 -13.43
N VAL B 75 4.59 4.51 -13.83
CA VAL B 75 3.64 3.80 -12.97
C VAL B 75 3.05 2.63 -13.74
N ILE B 76 3.08 1.47 -13.10
CA ILE B 76 2.33 0.35 -13.59
C ILE B 76 1.09 0.24 -12.70
N VAL B 77 -0.09 0.33 -13.30
CA VAL B 77 -1.30 0.19 -12.52
C VAL B 77 -1.81 -1.22 -12.53
N ASP B 78 -1.66 -1.88 -11.37
CA ASP B 78 -2.10 -3.23 -11.19
C ASP B 78 -3.58 -3.35 -10.67
N ASP B 79 -4.54 -3.17 -11.57
CA ASP B 79 -5.94 -3.45 -11.26
C ASP B 79 -6.65 -4.13 -12.40
N THR B 80 -7.71 -4.83 -12.02
CA THR B 80 -8.73 -5.32 -12.93
C THR B 80 -9.03 -4.37 -14.09
N ASN B 81 -9.37 -3.12 -13.76
CA ASN B 81 -9.79 -2.14 -14.76
C ASN B 81 -10.88 -2.67 -15.69
N TYR B 82 -11.83 -3.40 -15.12
CA TYR B 82 -12.93 -4.05 -15.85
C TYR B 82 -13.73 -3.15 -16.84
N TYR B 83 -13.82 -1.86 -16.55
CA TYR B 83 -14.74 -0.97 -17.22
C TYR B 83 -13.95 0.04 -17.97
N ASN B 84 -14.36 0.37 -19.18
CA ASN B 84 -13.54 1.29 -19.93
C ASN B 84 -13.56 2.71 -19.37
N SER B 85 -14.58 3.00 -18.55
CA SER B 85 -14.63 4.26 -17.80
C SER B 85 -13.39 4.40 -16.94
N MET B 86 -13.00 3.29 -16.29
CA MET B 86 -11.83 3.24 -15.43
C MET B 86 -10.51 3.49 -16.20
N ARG B 87 -10.32 2.76 -17.30
CA ARG B 87 -9.15 3.01 -18.13
C ARG B 87 -9.13 4.46 -18.65
N ARG B 88 -10.30 5.02 -18.95
CA ARG B 88 -10.38 6.46 -19.25
C ARG B 88 -9.81 7.38 -18.16
N ASP B 89 -10.24 7.17 -16.91
CA ASP B 89 -9.78 7.95 -15.76
C ASP B 89 -8.26 7.86 -15.64
N LEU B 90 -7.74 6.64 -15.61
CA LEU B 90 -6.29 6.47 -15.66
C LEU B 90 -5.64 7.26 -16.80
N ILE B 91 -6.19 7.14 -18.00
CA ILE B 91 -5.69 7.88 -19.18
C ILE B 91 -5.72 9.41 -19.01
N ASN B 92 -6.82 9.94 -18.47
CA ASN B 92 -6.87 11.37 -18.14
C ASN B 92 -5.78 11.85 -17.17
N ILE B 93 -5.21 10.95 -16.39
CA ILE B 93 -4.14 11.39 -15.52
C ILE B 93 -2.90 11.55 -16.35
N ALA B 94 -2.71 10.64 -17.30
CA ALA B 94 -1.57 10.76 -18.23
C ALA B 94 -1.77 12.01 -19.11
N LYS B 95 -3.00 12.21 -19.56
CA LYS B 95 -3.33 13.39 -20.36
C LYS B 95 -3.01 14.63 -19.59
N LYS B 96 -3.36 14.62 -18.32
CA LYS B 96 -3.11 15.78 -17.44
C LYS B 96 -1.63 16.22 -17.47
N TYR B 97 -0.70 15.28 -17.33
CA TYR B 97 0.73 15.66 -17.39
C TYR B 97 1.43 15.34 -18.72
N ASN B 98 0.64 15.09 -19.75
CA ASN B 98 1.23 14.94 -21.06
C ASN B 98 2.23 13.80 -21.13
N LYS B 99 1.87 12.65 -20.61
CA LYS B 99 2.75 11.51 -20.66
C LYS B 99 2.15 10.50 -21.61
N ASN B 100 3.00 9.71 -22.24
CA ASN B 100 2.53 8.51 -22.90
C ASN B 100 1.86 7.54 -21.92
N TYR B 101 1.04 6.65 -22.46
CA TYR B 101 0.53 5.56 -21.69
C TYR B 101 0.41 4.34 -22.59
N ALA B 102 0.33 3.17 -21.98
CA ALA B 102 0.18 1.94 -22.70
C ALA B 102 -0.70 1.02 -21.89
N ILE B 103 -1.77 0.56 -22.52
CA ILE B 103 -2.71 -0.34 -21.90
C ILE B 103 -2.17 -1.72 -22.21
N ILE B 104 -2.11 -2.60 -21.23
CA ILE B 104 -1.62 -3.95 -21.47
C ILE B 104 -2.71 -4.91 -21.00
N TYR B 105 -3.31 -5.60 -21.97
CA TYR B 105 -4.39 -6.54 -21.76
C TYR B 105 -3.85 -7.96 -21.51
N LEU B 106 -4.02 -8.51 -20.31
CA LEU B 106 -3.59 -9.88 -20.08
C LEU B 106 -4.79 -10.79 -20.23
N LYS B 107 -4.61 -11.91 -20.92
CA LYS B 107 -5.75 -12.82 -21.16
C LYS B 107 -5.46 -14.27 -20.83
N ALA B 108 -6.53 -15.03 -20.71
CA ALA B 108 -6.46 -16.43 -20.37
C ALA B 108 -7.85 -16.99 -20.49
N SER B 109 -7.93 -18.31 -20.60
CA SER B 109 -9.22 -18.97 -20.75
C SER B 109 -9.92 -19.11 -19.39
N LEU B 110 -11.24 -19.30 -19.43
CA LEU B 110 -12.03 -19.38 -18.21
C LEU B 110 -11.48 -20.42 -17.29
N ASP B 111 -11.25 -21.62 -17.84
CA ASP B 111 -10.74 -22.78 -17.07
C ASP B 111 -9.46 -22.52 -16.31
N VAL B 112 -8.60 -21.65 -16.84
CA VAL B 112 -7.37 -21.31 -16.17
C VAL B 112 -7.67 -20.36 -15.03
N LEU B 113 -8.52 -19.37 -15.30
CA LEU B 113 -8.93 -18.45 -14.25
C LEU B 113 -9.53 -19.24 -13.11
N ILE B 114 -10.40 -20.18 -13.44
CA ILE B 114 -11.03 -21.00 -12.43
C ILE B 114 -10.00 -21.78 -11.63
N ARG B 115 -8.98 -22.31 -12.31
CA ARG B 115 -7.96 -23.05 -11.55
C ARG B 115 -7.13 -22.15 -10.65
N ARG B 116 -6.74 -20.98 -11.15
CA ARG B 116 -6.02 -20.02 -10.34
C ARG B 116 -6.88 -19.60 -9.13
N ASN B 117 -8.17 -19.38 -9.34
CA ASN B 117 -9.07 -19.07 -8.24
C ASN B 117 -9.15 -20.17 -7.21
N ILE B 118 -9.53 -21.38 -7.66
CA ILE B 118 -9.53 -22.54 -6.78
C ILE B 118 -8.18 -22.60 -6.07
N GLU B 119 -7.09 -22.39 -6.81
CA GLU B 119 -5.73 -22.48 -6.26
C GLU B 119 -5.38 -21.43 -5.22
N ARG B 120 -6.19 -20.38 -5.09
CA ARG B 120 -5.95 -19.34 -4.11
C ARG B 120 -7.06 -19.31 -3.08
N GLY B 121 -7.88 -20.36 -3.08
CA GLY B 121 -8.82 -20.59 -1.99
C GLY B 121 -10.24 -20.22 -2.31
N GLU B 122 -10.46 -19.86 -3.56
CA GLU B 122 -11.73 -19.34 -3.98
C GLU B 122 -12.15 -18.19 -3.07
N LYS B 123 -11.29 -17.19 -2.95
CA LYS B 123 -11.65 -16.05 -2.16
C LYS B 123 -12.71 -15.26 -2.90
N ILE B 124 -12.91 -15.59 -4.17
CA ILE B 124 -13.96 -15.00 -4.97
C ILE B 124 -14.70 -16.16 -5.59
N PRO B 125 -16.01 -16.21 -5.39
CA PRO B 125 -16.70 -17.42 -5.84
C PRO B 125 -16.52 -17.61 -7.37
N ASN B 126 -16.30 -18.88 -7.73
CA ASN B 126 -16.02 -19.26 -9.11
C ASN B 126 -17.11 -18.73 -10.03
N GLU B 127 -18.34 -18.72 -9.52
CA GLU B 127 -19.50 -18.26 -10.24
C GLU B 127 -19.42 -16.78 -10.56
N VAL B 128 -18.72 -16.00 -9.74
CA VAL B 128 -18.57 -14.57 -10.05
C VAL B 128 -17.47 -14.37 -11.12
N ILE B 129 -16.38 -15.12 -10.99
CA ILE B 129 -15.33 -15.15 -12.00
C ILE B 129 -15.95 -15.51 -13.37
N LYS B 130 -16.82 -16.52 -13.36
CA LYS B 130 -17.45 -17.00 -14.56
C LYS B 130 -18.29 -15.88 -15.18
N LYS B 131 -19.17 -15.28 -14.37
CA LYS B 131 -20.02 -14.18 -14.82
C LYS B 131 -19.18 -13.00 -15.29
N MET B 132 -18.09 -12.72 -14.56
CA MET B 132 -17.16 -11.66 -15.00
C MET B 132 -16.54 -11.94 -16.36
N TYR B 133 -16.28 -13.21 -16.65
CA TYR B 133 -15.68 -13.62 -17.92
C TYR B 133 -16.66 -13.44 -19.08
N GLU B 134 -17.88 -13.95 -18.92
CA GLU B 134 -18.95 -13.73 -19.90
C GLU B 134 -19.22 -12.24 -20.14
N LYS B 135 -19.08 -11.39 -19.12
CA LYS B 135 -19.51 -10.00 -19.29
C LYS B 135 -18.40 -9.00 -19.57
N PHE B 136 -17.15 -9.43 -19.46
CA PHE B 136 -16.04 -8.51 -19.67
C PHE B 136 -15.96 -8.00 -21.12
N ASP B 137 -15.92 -6.68 -21.29
CA ASP B 137 -15.58 -6.17 -22.61
C ASP B 137 -14.11 -5.86 -22.71
N GLU B 138 -13.48 -6.45 -23.71
CA GLU B 138 -12.05 -6.33 -23.81
C GLU B 138 -11.74 -5.01 -24.48
N PRO B 139 -10.62 -4.38 -24.10
CA PRO B 139 -10.51 -2.97 -24.45
C PRO B 139 -10.30 -2.76 -25.95
N GLY B 140 -10.59 -1.54 -26.40
CA GLY B 140 -10.47 -1.14 -27.78
C GLY B 140 -11.72 -1.48 -28.54
N LYS B 141 -12.64 -2.14 -27.86
CA LYS B 141 -13.91 -2.54 -28.42
C LYS B 141 -14.64 -1.34 -29.00
N LYS B 142 -14.44 -0.15 -28.44
CA LYS B 142 -15.20 1.04 -28.88
C LYS B 142 -14.39 2.33 -29.18
N TYR B 143 -13.30 2.58 -28.47
CA TYR B 143 -12.50 3.80 -28.73
C TYR B 143 -11.02 3.55 -29.08
N LYS B 144 -10.48 4.38 -29.97
CA LYS B 144 -9.10 4.27 -30.37
C LYS B 144 -8.23 4.40 -29.14
N TRP B 145 -8.56 5.37 -28.31
CA TRP B 145 -7.79 5.60 -27.11
C TRP B 145 -7.76 4.38 -26.20
N ASP B 146 -8.71 3.45 -26.36
CA ASP B 146 -8.83 2.30 -25.46
C ASP B 146 -8.13 1.01 -25.95
N GLU B 147 -7.43 1.07 -27.07
CA GLU B 147 -6.83 -0.14 -27.61
C GLU B 147 -5.50 -0.48 -26.94
N PRO B 148 -5.29 -1.77 -26.64
CA PRO B 148 -4.10 -2.30 -25.96
C PRO B 148 -2.86 -2.06 -26.79
N PHE B 149 -1.82 -1.58 -26.12
CA PHE B 149 -0.51 -1.54 -26.70
C PHE B 149 0.00 -2.97 -26.92
N LEU B 150 -0.25 -3.82 -25.94
CA LEU B 150 0.11 -5.21 -25.98
C LEU B 150 -1.06 -6.07 -25.56
N ILE B 151 -1.22 -7.21 -26.23
CA ILE B 151 -2.12 -8.22 -25.74
C ILE B 151 -1.21 -9.36 -25.30
N ILE B 152 -1.40 -9.79 -24.06
CA ILE B 152 -0.53 -10.77 -23.44
C ILE B 152 -1.25 -12.02 -22.97
N ASP B 153 -0.94 -13.13 -23.62
CA ASP B 153 -1.47 -14.44 -23.25
C ASP B 153 -0.58 -15.08 -22.18
N THR B 154 -1.00 -14.95 -20.93
CA THR B 154 -0.23 -15.34 -19.75
C THR B 154 -0.11 -16.84 -19.61
N THR B 155 -0.73 -17.53 -20.55
CA THR B 155 -0.61 -18.98 -20.62
C THR B 155 0.69 -19.42 -21.33
N LYS B 156 1.19 -18.60 -22.26
CA LYS B 156 2.50 -18.84 -22.84
C LYS B 156 3.59 -18.06 -22.13
N ASP B 157 4.84 -18.36 -22.46
CA ASP B 157 5.97 -17.64 -21.88
C ASP B 157 5.96 -16.17 -22.25
N ILE B 158 6.51 -15.35 -21.37
CA ILE B 158 6.62 -13.92 -21.65
C ILE B 158 8.07 -13.52 -21.77
N ASP B 159 8.38 -12.87 -22.89
CA ASP B 159 9.68 -12.26 -23.15
C ASP B 159 9.68 -10.85 -22.61
N PHE B 160 10.19 -10.67 -21.40
CA PHE B 160 10.11 -9.35 -20.77
C PHE B 160 11.16 -8.38 -21.35
N ASN B 161 12.29 -8.87 -21.86
CA ASN B 161 13.19 -7.94 -22.54
C ASN B 161 12.47 -7.28 -23.72
N GLU B 162 11.71 -8.07 -24.48
CA GLU B 162 10.97 -7.56 -25.63
C GLU B 162 9.92 -6.49 -25.24
N ILE B 163 9.08 -6.80 -24.25
CA ILE B 163 8.12 -5.81 -23.70
C ILE B 163 8.76 -4.50 -23.23
N ALA B 164 9.85 -4.59 -22.47
CA ALA B 164 10.52 -3.36 -22.00
C ALA B 164 11.02 -2.52 -23.15
N LYS B 165 11.73 -3.17 -24.06
CA LYS B 165 12.15 -2.57 -25.34
C LYS B 165 11.06 -1.74 -26.04
N LYS B 166 9.88 -2.31 -26.30
CA LYS B 166 8.79 -1.52 -26.93
C LYS B 166 8.24 -0.41 -26.05
N LEU B 167 8.20 -0.61 -24.74
CA LEU B 167 7.71 0.42 -23.85
C LEU B 167 8.68 1.59 -23.78
N ILE B 168 9.96 1.30 -23.91
CA ILE B 168 10.93 2.37 -23.87
C ILE B 168 10.86 3.16 -25.16
N GLU B 169 10.66 2.46 -26.29
CA GLU B 169 10.43 3.11 -27.58
C GLU B 169 9.20 3.94 -27.45
N LYS B 170 8.13 3.36 -26.89
CA LYS B 170 6.91 4.13 -26.73
C LYS B 170 7.05 5.40 -25.87
N SER B 171 7.62 5.28 -24.66
CA SER B 171 7.83 6.46 -23.81
C SER B 171 8.47 7.65 -24.55
N LYS B 172 9.34 7.37 -25.52
CA LYS B 172 10.08 8.40 -26.24
C LYS B 172 9.25 9.13 -27.32
N GLU B 173 8.21 8.47 -27.84
CA GLU B 173 7.38 9.04 -28.88
C GLU B 173 6.67 10.28 -28.33
N ILE B 174 6.02 11.09 -29.16
CA ILE B 174 5.22 12.19 -28.59
C ILE B 174 3.75 11.81 -28.40
N PRO B 175 3.18 12.18 -27.24
CA PRO B 175 1.88 11.60 -26.85
C PRO B 175 0.67 12.20 -27.59
N LYS B 176 -0.36 11.39 -27.81
CA LYS B 176 -1.53 11.80 -28.60
C LYS B 176 -2.84 11.35 -27.96
N PHE B 177 -3.54 12.30 -27.36
CA PHE B 177 -4.83 12.07 -26.72
C PHE B 177 -5.96 12.63 -27.63
N ASN B 188 -21.95 5.78 -18.66
CA ASN B 188 -22.20 6.45 -17.37
C ASN B 188 -21.47 5.77 -16.18
N ASN B 189 -20.61 6.56 -15.51
CA ASN B 189 -19.84 6.11 -14.34
C ASN B 189 -20.74 5.53 -13.26
N ILE B 190 -22.01 5.96 -13.24
CA ILE B 190 -22.89 5.51 -12.18
C ILE B 190 -23.37 4.09 -12.48
N SER B 191 -23.65 3.83 -13.75
CA SER B 191 -23.98 2.47 -14.17
C SER B 191 -22.88 1.43 -13.83
N ASP B 192 -21.61 1.79 -14.05
CA ASP B 192 -20.46 0.93 -13.73
C ASP B 192 -20.27 0.78 -12.23
N LYS B 193 -20.35 1.89 -11.52
CA LYS B 193 -20.31 1.83 -10.05
C LYS B 193 -21.38 0.91 -9.50
N ILE B 194 -22.56 0.89 -10.13
CA ILE B 194 -23.61 0.01 -9.62
C ILE B 194 -23.34 -1.41 -10.04
N ASP B 195 -22.89 -1.59 -11.28
CA ASP B 195 -22.51 -2.93 -11.76
C ASP B 195 -21.38 -3.50 -10.93
N LYS B 196 -20.42 -2.66 -10.58
CA LYS B 196 -19.30 -3.03 -9.77
C LYS B 196 -19.67 -3.43 -8.34
N GLU B 197 -20.35 -2.55 -7.63
CA GLU B 197 -20.57 -2.77 -6.20
C GLU B 197 -21.52 -3.93 -5.90
N THR B 198 -22.50 -4.11 -6.79
CA THR B 198 -23.46 -5.18 -6.58
C THR B 198 -22.73 -6.52 -6.75
N ARG B 199 -21.72 -6.57 -7.63
CA ARG B 199 -20.89 -7.77 -7.77
CA ARG B 199 -20.88 -7.77 -7.76
C ARG B 199 -20.07 -7.99 -6.48
N LYS B 200 -19.37 -6.95 -6.05
CA LYS B 200 -18.59 -7.05 -4.80
C LYS B 200 -19.50 -7.49 -3.64
N ILE B 201 -20.67 -6.86 -3.51
CA ILE B 201 -21.66 -7.26 -2.50
C ILE B 201 -22.08 -8.72 -2.66
N VAL B 202 -22.59 -9.07 -3.84
CA VAL B 202 -22.93 -10.45 -4.12
C VAL B 202 -21.81 -11.42 -3.71
N SER B 203 -20.58 -11.04 -3.99
CA SER B 203 -19.43 -11.86 -3.63
C SER B 203 -19.20 -11.90 -2.13
N GLU B 204 -19.45 -10.80 -1.44
CA GLU B 204 -19.26 -10.80 0.02
C GLU B 204 -20.30 -11.69 0.70
N TYR B 205 -21.52 -11.71 0.16
CA TYR B 205 -22.58 -12.53 0.73
C TYR B 205 -22.31 -14.01 0.61
N ILE B 206 -22.09 -14.48 -0.61
CA ILE B 206 -21.52 -15.80 -0.79
C ILE B 206 -20.15 -15.63 -0.18
N LYS B 207 -19.79 -16.48 0.77
CA LYS B 207 -18.54 -16.35 1.53
C LYS B 207 -18.93 -16.18 2.96
N SER B 208 -19.34 -14.97 3.31
CA SER B 208 -19.63 -14.62 4.69
C SER B 208 -20.76 -15.46 5.21
N LYS B 209 -21.67 -15.85 4.32
CA LYS B 209 -22.77 -16.72 4.72
C LYS B 209 -22.58 -18.14 4.15
N LYS B 210 -21.36 -18.43 3.70
CA LYS B 210 -21.02 -19.77 3.26
C LYS B 210 -22.06 -20.39 2.34
N LEU B 211 -22.78 -19.56 1.59
CA LEU B 211 -23.83 -20.05 0.69
C LEU B 211 -23.44 -21.31 -0.05
N ASP B 212 -24.38 -22.24 -0.24
CA ASP B 212 -24.13 -23.44 -1.05
C ASP B 212 -24.25 -23.13 -2.56
N LYS B 213 -24.02 -24.15 -3.39
CA LYS B 213 -23.98 -24.02 -4.85
C LYS B 213 -25.22 -23.41 -5.52
N ASP B 214 -26.35 -24.08 -5.41
CA ASP B 214 -27.58 -23.57 -6.01
C ASP B 214 -28.03 -22.22 -5.40
N LYS B 215 -27.79 -22.02 -4.11
CA LYS B 215 -28.04 -20.73 -3.46
C LYS B 215 -27.23 -19.64 -4.17
N ILE B 216 -25.99 -19.97 -4.49
CA ILE B 216 -25.11 -19.07 -5.21
C ILE B 216 -25.69 -18.73 -6.59
N LYS B 217 -26.17 -19.74 -7.30
CA LYS B 217 -26.76 -19.54 -8.61
C LYS B 217 -27.93 -18.58 -8.51
N GLU B 218 -28.81 -18.82 -7.53
CA GLU B 218 -29.94 -17.92 -7.23
C GLU B 218 -29.52 -16.44 -7.05
N VAL B 219 -28.58 -16.23 -6.13
CA VAL B 219 -28.10 -14.89 -5.85
C VAL B 219 -27.59 -14.17 -7.11
N VAL B 220 -26.95 -14.91 -8.03
CA VAL B 220 -26.40 -14.31 -9.25
C VAL B 220 -27.49 -13.81 -10.17
N GLU B 221 -28.42 -14.70 -10.48
CA GLU B 221 -29.62 -14.35 -11.24
C GLU B 221 -30.41 -13.22 -10.55
N LEU B 222 -30.48 -13.31 -9.22
CA LEU B 222 -31.03 -12.24 -8.43
C LEU B 222 -30.36 -10.93 -8.86
N ARG B 223 -29.03 -10.89 -8.81
CA ARG B 223 -28.30 -9.67 -9.15
C ARG B 223 -28.68 -9.12 -10.53
N LYS B 224 -28.66 -9.95 -11.56
CA LYS B 224 -28.97 -9.47 -12.90
C LYS B 224 -30.43 -9.08 -13.06
N GLU B 225 -31.33 -9.72 -12.30
CA GLU B 225 -32.73 -9.27 -12.27
C GLU B 225 -32.85 -7.89 -11.63
N PHE B 226 -32.00 -7.62 -10.66
CA PHE B 226 -32.01 -6.33 -9.97
C PHE B 226 -31.45 -5.22 -10.83
N LEU B 227 -30.37 -5.51 -11.56
CA LEU B 227 -29.78 -4.50 -12.42
C LEU B 227 -30.70 -4.25 -13.61
N LYS B 228 -31.57 -5.22 -13.92
CA LYS B 228 -32.56 -5.05 -14.97
C LYS B 228 -33.57 -3.98 -14.58
N LYS B 229 -34.14 -4.15 -13.40
CA LYS B 229 -35.13 -3.23 -12.89
C LYS B 229 -34.59 -1.81 -12.73
N ILE B 230 -33.41 -1.69 -12.14
CA ILE B 230 -32.92 -0.36 -11.79
C ILE B 230 -32.35 0.35 -13.01
N LYS B 231 -32.34 -0.32 -14.14
CA LYS B 231 -32.02 0.39 -15.36
C LYS B 231 -33.28 0.62 -16.19
N ASP B 237 -30.05 7.12 -7.78
CA ASP B 237 -29.01 7.28 -6.76
C ASP B 237 -28.22 5.99 -6.41
N ALA B 238 -26.92 6.03 -6.66
CA ALA B 238 -26.07 4.87 -6.43
C ALA B 238 -26.11 4.33 -5.00
N ASP B 239 -25.88 5.16 -3.99
CA ASP B 239 -25.83 4.62 -2.63
C ASP B 239 -27.21 4.07 -2.17
N ARG B 240 -28.29 4.70 -2.63
CA ARG B 240 -29.65 4.22 -2.33
C ARG B 240 -29.85 2.83 -2.95
N VAL B 241 -29.50 2.73 -4.24
CA VAL B 241 -29.63 1.48 -4.94
C VAL B 241 -28.76 0.41 -4.29
N LEU B 242 -27.61 0.81 -3.78
CA LEU B 242 -26.75 -0.20 -3.20
C LEU B 242 -27.30 -0.69 -1.87
N LYS B 243 -27.93 0.21 -1.11
CA LYS B 243 -28.55 -0.17 0.15
C LYS B 243 -29.76 -1.06 -0.08
N GLU B 244 -30.52 -0.76 -1.11
CA GLU B 244 -31.69 -1.55 -1.46
C GLU B 244 -31.31 -2.93 -2.01
N PHE B 245 -30.19 -2.99 -2.69
CA PHE B 245 -29.69 -4.26 -3.17
C PHE B 245 -29.33 -5.11 -1.96
N LYS B 246 -28.80 -4.43 -0.95
CA LYS B 246 -28.36 -5.04 0.29
C LYS B 246 -29.55 -5.58 1.07
N ASP B 247 -30.58 -4.74 1.26
CA ASP B 247 -31.86 -5.19 1.82
C ASP B 247 -32.41 -6.41 1.06
N LEU B 248 -32.36 -6.34 -0.27
CA LEU B 248 -32.80 -7.44 -1.11
C LEU B 248 -32.06 -8.75 -0.78
N LEU B 249 -30.73 -8.73 -0.79
CA LEU B 249 -29.99 -9.92 -0.41
C LEU B 249 -30.46 -10.49 0.93
N ASN B 250 -30.51 -9.65 1.97
CA ASN B 250 -30.89 -10.14 3.29
C ASN B 250 -32.28 -10.76 3.34
N SER B 251 -33.23 -10.13 2.67
CA SER B 251 -34.61 -10.61 2.74
C SER B 251 -34.65 -11.91 1.94
N TYR B 252 -33.99 -11.92 0.80
CA TYR B 252 -33.80 -13.17 0.09
C TYR B 252 -32.94 -14.11 0.93
P PO4 C . 7.26 -5.07 13.49
O1 PO4 C . 7.14 -6.43 14.08
O2 PO4 C . 6.13 -4.79 12.49
O3 PO4 C . 8.60 -5.00 12.85
O4 PO4 C . 7.20 -4.02 14.57
I IOD D . 23.73 1.64 11.62
C1 EDO E . 21.42 4.58 -2.20
O1 EDO E . 20.48 5.07 -3.14
C2 EDO E . 21.40 3.08 -2.31
O2 EDO E . 22.51 2.65 -1.56
C1 EDO F . 6.33 17.10 -5.41
O1 EDO F . 5.00 16.55 -5.56
C2 EDO F . 6.44 18.07 -4.21
O2 EDO F . 5.77 17.56 -3.04
C1 EDO G . 7.29 -4.58 -6.84
O1 EDO G . 7.78 -3.40 -7.45
C2 EDO G . 5.92 -4.18 -6.39
O2 EDO G . 5.44 -5.18 -5.49
C1 EDO H . 4.88 17.84 5.09
O1 EDO H . 4.92 17.10 3.86
C2 EDO H . 6.02 17.37 5.99
O2 EDO H . 7.06 16.93 5.11
P PO4 I . -4.06 -11.42 -10.81
O1 PO4 I . -3.26 -12.73 -10.87
O2 PO4 I . -4.37 -11.04 -12.23
O3 PO4 I . -3.24 -10.41 -10.05
O4 PO4 I . -5.37 -11.60 -10.06
I IOD J . -21.99 -11.73 -10.31
C1 EDO K . 6.68 -22.27 -24.64
O1 EDO K . 6.25 -21.03 -24.06
C2 EDO K . 5.41 -23.02 -25.05
O2 EDO K . 4.28 -22.25 -24.59
C1 EDO L . 5.45 -23.68 -16.99
O1 EDO L . 5.79 -23.28 -15.67
C2 EDO L . 4.19 -24.52 -17.03
O2 EDO L . 3.26 -23.82 -16.24
#